data_7W0K
#
_entry.id   7W0K
#
_cell.length_a   54.462
_cell.length_b   74.038
_cell.length_c   61.815
_cell.angle_alpha   90.000
_cell.angle_beta   114.400
_cell.angle_gamma   90.000
#
_symmetry.space_group_name_H-M   'P 1 21 1'
#
loop_
_entity.id
_entity.type
_entity.pdbx_description
1 polymer Glycosyltransferase
2 non-polymer "URIDINE-5'-DIPHOSPHATE"
3 non-polymer GLYCEROL
4 water water
#
_entity_poly.entity_id   1
_entity_poly.type   'polypeptide(L)'
_entity_poly.pdbx_seq_one_letter_code
;GSHMGTIEISSPSKTHILAFPFPEKGHINPMLHLCNRLASKGFRVTLITTISTYKDVKNKIKCKSKGGLINLESIPDGTD
KNLGMNGYFNQFKNSVTESVAGIIEEYKLGHDFPPPKVLIYDSTMPWMLDVAHGHGILGASLFTQPCCVSVVYYHMLQGT
IDFHREQSSSSKVLLLPCLPPLEDRDLPEFDYFKEDSGFVSNLLLNQFLNIDKIDYVLFNTFEMLESEIANWMSNKWKIL
TIGPTAPTAAAAAAANNYLFETNTEVCMKWLDEREPNSVIYVSFGSIASLTEQQMEEISQALFTTNFNFLWVVREEERTK
LPNCLNNNNNNNNNPSSESFTTAAGKLGLIINWCPQLDVLRHESVACFMTHCGWNSTLEAISSGVPMICVPQWVDQTTNA
KFIQDVWKIGVRVNNNNGENGGLVKKEEIERCIKEVCESEKGKELKRNAMKWKDLSKEAVSEGGSSDTNLEYFASTLLFY
;
_entity_poly.pdbx_strand_id   A
#
loop_
_chem_comp.id
_chem_comp.type
_chem_comp.name
_chem_comp.formula
GOL non-polymer GLYCEROL 'C3 H8 O3'
UDP RNA linking URIDINE-5'-DIPHOSPHATE 'C9 H14 N2 O12 P2'
#
# COMPACT_ATOMS: atom_id res chain seq x y z
N SER A 2 -47.69 31.14 12.68
CA SER A 2 -47.36 29.86 12.06
C SER A 2 -46.11 29.97 11.22
N HIS A 3 -45.52 28.82 10.90
CA HIS A 3 -44.36 28.78 10.03
C HIS A 3 -44.66 27.98 8.78
N MET A 4 -43.89 28.26 7.72
CA MET A 4 -44.12 27.70 6.40
C MET A 4 -42.79 27.75 5.66
N GLY A 5 -42.39 26.63 5.07
CA GLY A 5 -41.17 26.62 4.28
C GLY A 5 -40.66 25.20 4.08
N THR A 6 -39.49 25.12 3.46
CA THR A 6 -38.88 23.83 3.12
C THR A 6 -37.53 23.69 3.80
N ILE A 7 -37.29 22.49 4.32
CA ILE A 7 -36.01 22.09 4.89
C ILE A 7 -35.31 21.16 3.90
N GLU A 8 -34.07 21.48 3.55
CA GLU A 8 -33.25 20.60 2.74
C GLU A 8 -32.23 19.93 3.64
N ILE A 9 -32.12 18.59 3.55
CA ILE A 9 -31.18 17.81 4.36
C ILE A 9 -30.08 17.27 3.46
N SER A 10 -28.84 17.52 3.84
CA SER A 10 -27.67 16.95 3.16
C SER A 10 -27.09 15.90 4.09
N SER A 11 -27.12 14.65 3.66
CA SER A 11 -26.79 13.51 4.49
C SER A 11 -25.84 12.62 3.69
N PRO A 12 -25.06 11.78 4.38
CA PRO A 12 -24.27 10.77 3.65
C PRO A 12 -25.10 9.93 2.70
N SER A 13 -26.32 9.54 3.09
CA SER A 13 -27.14 8.70 2.24
C SER A 13 -27.47 9.37 0.91
N LYS A 14 -27.48 10.72 0.87
CA LYS A 14 -27.77 11.45 -0.36
C LYS A 14 -26.52 12.08 -0.94
N THR A 15 -25.35 11.56 -0.60
CA THR A 15 -24.07 12.08 -1.03
C THR A 15 -23.30 10.98 -1.76
N HIS A 16 -22.83 11.29 -2.96
CA HIS A 16 -22.25 10.27 -3.85
C HIS A 16 -20.76 10.54 -3.97
N ILE A 17 -19.96 9.57 -3.52
CA ILE A 17 -18.50 9.64 -3.62
C ILE A 17 -18.05 8.76 -4.77
N LEU A 18 -17.25 9.30 -5.68
CA LEU A 18 -16.60 8.46 -6.67
C LEU A 18 -15.17 8.15 -6.24
N ALA A 19 -14.71 6.96 -6.60
CA ALA A 19 -13.33 6.61 -6.27
C ALA A 19 -12.70 5.87 -7.44
N PHE A 20 -11.44 6.21 -7.72
CA PHE A 20 -10.76 5.73 -8.92
C PHE A 20 -9.30 5.41 -8.59
N PRO A 21 -8.99 4.16 -8.28
CA PRO A 21 -7.61 3.78 -7.99
C PRO A 21 -6.82 3.46 -9.25
N PHE A 22 -5.53 3.76 -9.18
CA PHE A 22 -4.61 3.23 -10.17
C PHE A 22 -4.69 1.69 -10.16
N PRO A 23 -4.71 1.04 -11.33
CA PRO A 23 -4.97 -0.41 -11.38
C PRO A 23 -3.75 -1.26 -11.01
N GLU A 24 -3.28 -1.10 -9.77
CA GLU A 24 -2.37 -2.05 -9.16
C GLU A 24 -2.86 -2.33 -7.75
N LYS A 25 -2.57 -3.53 -7.26
CA LYS A 25 -3.18 -3.99 -6.01
C LYS A 25 -2.80 -3.10 -4.83
N GLY A 26 -1.56 -2.60 -4.81
CA GLY A 26 -1.12 -1.68 -3.77
C GLY A 26 -1.80 -0.32 -3.82
N HIS A 27 -2.55 -0.05 -4.87
CA HIS A 27 -3.34 1.16 -4.99
C HIS A 27 -4.83 0.87 -4.83
N ILE A 28 -5.30 -0.21 -5.47
CA ILE A 28 -6.68 -0.64 -5.34
C ILE A 28 -7.04 -0.93 -3.89
N ASN A 29 -6.22 -1.75 -3.22
CA ASN A 29 -6.61 -2.23 -1.90
C ASN A 29 -6.82 -1.12 -0.88
N PRO A 30 -5.92 -0.16 -0.70
CA PRO A 30 -6.22 0.93 0.25
C PRO A 30 -7.42 1.76 -0.18
N MET A 31 -7.62 1.93 -1.48
CA MET A 31 -8.82 2.63 -1.97
C MET A 31 -10.07 1.85 -1.61
N LEU A 32 -10.06 0.53 -1.79
CA LEU A 32 -11.22 -0.30 -1.49
C LEU A 32 -11.57 -0.21 -0.01
N HIS A 33 -10.57 -0.41 0.85
CA HIS A 33 -10.78 -0.27 2.29
C HIS A 33 -11.41 1.08 2.61
N LEU A 34 -10.88 2.15 2.03
CA LEU A 34 -11.45 3.48 2.27
C LEU A 34 -12.88 3.57 1.78
N CYS A 35 -13.17 2.95 0.65
CA CYS A 35 -14.55 2.95 0.15
C CYS A 35 -15.47 2.24 1.14
N ASN A 36 -14.98 1.15 1.75
CA ASN A 36 -15.77 0.38 2.71
C ASN A 36 -16.09 1.19 3.95
N ARG A 37 -15.11 1.95 4.46
CA ARG A 37 -15.36 2.80 5.62
C ARG A 37 -16.33 3.92 5.28
N LEU A 38 -16.20 4.52 4.09
CA LEU A 38 -17.11 5.59 3.70
C LEU A 38 -18.53 5.06 3.51
N ALA A 39 -18.68 3.90 2.86
CA ALA A 39 -20.01 3.28 2.75
C ALA A 39 -20.61 3.01 4.13
N SER A 40 -19.78 2.64 5.10
CA SER A 40 -20.26 2.36 6.44
C SER A 40 -20.82 3.61 7.12
N LYS A 41 -20.25 4.78 6.84
CA LYS A 41 -20.82 6.04 7.32
C LYS A 41 -22.08 6.41 6.59
N GLY A 42 -22.49 5.62 5.61
CA GLY A 42 -23.73 5.83 4.91
C GLY A 42 -23.62 6.43 3.52
N PHE A 43 -22.40 6.75 3.07
CA PHE A 43 -22.30 7.42 1.77
C PHE A 43 -22.60 6.45 0.65
N ARG A 44 -23.13 6.98 -0.46
CA ARG A 44 -23.17 6.22 -1.70
C ARG A 44 -21.79 6.31 -2.35
N VAL A 45 -21.20 5.14 -2.65
CA VAL A 45 -19.83 5.09 -3.13
C VAL A 45 -19.79 4.30 -4.42
N THR A 46 -19.24 4.90 -5.48
CA THR A 46 -19.01 4.21 -6.73
C THR A 46 -17.51 4.07 -6.93
N LEU A 47 -17.03 2.83 -6.93
CA LEU A 47 -15.65 2.53 -7.25
C LEU A 47 -15.54 2.35 -8.77
N ILE A 48 -14.69 3.14 -9.40
CA ILE A 48 -14.36 2.99 -10.81
C ILE A 48 -13.02 2.27 -10.92
N THR A 49 -12.95 1.24 -11.75
CA THR A 49 -11.69 0.55 -11.95
C THR A 49 -11.62 0.00 -13.37
N THR A 50 -10.40 -0.16 -13.87
CA THR A 50 -10.19 -0.68 -15.22
C THR A 50 -10.77 -2.08 -15.35
N ILE A 51 -11.20 -2.41 -16.57
CA ILE A 51 -11.90 -3.67 -16.81
C ILE A 51 -11.04 -4.87 -16.40
N SER A 52 -9.72 -4.79 -16.60
CA SER A 52 -8.86 -5.92 -16.25
C SER A 52 -8.70 -6.11 -14.74
N THR A 53 -8.99 -5.09 -13.94
CA THR A 53 -9.00 -5.28 -12.50
C THR A 53 -10.41 -5.38 -11.94
N TYR A 54 -11.43 -5.19 -12.78
CA TYR A 54 -12.82 -5.22 -12.35
C TYR A 54 -13.18 -6.57 -11.76
N LYS A 55 -12.78 -7.66 -12.44
CA LYS A 55 -13.04 -9.02 -11.95
C LYS A 55 -12.40 -9.24 -10.59
N ASP A 56 -11.12 -8.87 -10.45
CA ASP A 56 -10.43 -8.98 -9.17
C ASP A 56 -11.19 -8.21 -8.08
N VAL A 57 -11.60 -6.99 -8.38
CA VAL A 57 -12.30 -6.17 -7.39
C VAL A 57 -13.70 -6.73 -7.12
N LYS A 58 -14.40 -7.16 -8.18
CA LYS A 58 -15.74 -7.71 -8.03
C LYS A 58 -15.74 -8.96 -7.16
N ASN A 59 -14.70 -9.80 -7.28
CA ASN A 59 -14.62 -10.99 -6.45
C ASN A 59 -14.32 -10.66 -4.99
N LYS A 60 -13.78 -9.47 -4.72
CA LYS A 60 -13.30 -9.13 -3.38
C LYS A 60 -14.35 -8.45 -2.52
N ILE A 61 -15.13 -7.53 -3.10
CA ILE A 61 -16.09 -6.74 -2.33
C ILE A 61 -17.33 -7.57 -2.04
N LYS A 62 -17.83 -7.47 -0.81
CA LYS A 62 -18.93 -8.29 -0.32
C LYS A 62 -19.84 -7.46 0.58
N CYS A 63 -21.15 -7.69 0.45
CA CYS A 63 -22.18 -7.05 1.29
C CYS A 63 -22.07 -5.52 1.35
N GLY A 68 -22.23 -5.33 -1.84
CA GLY A 68 -23.49 -4.65 -1.60
C GLY A 68 -23.41 -3.13 -1.51
N LEU A 69 -22.60 -2.62 -0.58
CA LEU A 69 -22.59 -1.20 -0.26
C LEU A 69 -21.87 -0.34 -1.31
N ILE A 70 -20.98 -0.93 -2.11
CA ILE A 70 -20.18 -0.19 -3.09
C ILE A 70 -20.73 -0.50 -4.48
N ASN A 71 -20.93 0.56 -5.27
CA ASN A 71 -21.38 0.42 -6.65
C ASN A 71 -20.17 0.39 -7.57
N LEU A 72 -20.09 -0.62 -8.42
CA LEU A 72 -18.88 -0.90 -9.19
C LEU A 72 -19.07 -0.48 -10.64
N GLU A 73 -18.13 0.30 -11.16
CA GLU A 73 -18.12 0.68 -12.56
C GLU A 73 -16.79 0.29 -13.19
N SER A 74 -16.85 -0.24 -14.41
CA SER A 74 -15.65 -0.54 -15.16
C SER A 74 -15.36 0.52 -16.21
N ILE A 75 -14.08 0.72 -16.50
CA ILE A 75 -13.65 1.53 -17.65
C ILE A 75 -12.63 0.71 -18.43
N PRO A 76 -12.41 1.07 -19.69
CA PRO A 76 -11.36 0.38 -20.46
C PRO A 76 -10.00 0.54 -19.81
N ASP A 77 -9.12 -0.45 -20.06
CA ASP A 77 -7.80 -0.42 -19.42
C ASP A 77 -6.98 0.76 -19.92
N GLY A 78 -7.19 1.16 -21.18
CA GLY A 78 -6.37 2.18 -21.82
C GLY A 78 -4.96 1.75 -22.16
N THR A 79 -4.54 0.56 -21.74
CA THR A 79 -3.20 0.03 -21.97
C THR A 79 -3.33 -1.39 -22.50
N ASP A 80 -2.19 -2.02 -22.80
CA ASP A 80 -2.18 -3.46 -22.99
C ASP A 80 -1.17 -4.17 -22.13
N LYS A 81 -0.46 -3.45 -21.24
CA LYS A 81 0.51 -4.03 -20.29
C LYS A 81 1.74 -4.63 -20.98
N ASN A 82 1.74 -4.69 -22.31
CA ASN A 82 2.90 -5.21 -23.03
C ASN A 82 3.83 -4.12 -23.54
N LEU A 83 3.36 -2.89 -23.68
CA LEU A 83 4.25 -1.82 -24.10
C LEU A 83 5.16 -1.41 -22.95
N GLY A 84 6.13 -0.54 -23.27
CA GLY A 84 6.98 0.05 -22.25
C GLY A 84 6.22 1.05 -21.40
N MET A 85 6.88 1.50 -20.33
CA MET A 85 6.20 2.30 -19.31
C MET A 85 5.61 3.58 -19.90
N ASN A 86 6.42 4.35 -20.64
CA ASN A 86 5.86 5.46 -21.39
C ASN A 86 5.07 4.93 -22.58
N GLY A 87 3.92 5.55 -22.86
CA GLY A 87 3.05 5.02 -23.89
C GLY A 87 1.98 4.14 -23.29
N TYR A 88 2.39 3.07 -22.59
CA TYR A 88 1.48 2.38 -21.70
C TYR A 88 0.80 3.39 -20.78
N PHE A 89 1.52 4.43 -20.37
CA PHE A 89 1.03 5.45 -19.45
C PHE A 89 0.33 6.61 -20.15
N ASN A 90 0.88 7.11 -21.26
CA ASN A 90 0.26 8.25 -21.92
C ASN A 90 -1.07 7.88 -22.55
N GLN A 91 -1.13 6.74 -23.23
CA GLN A 91 -2.42 6.18 -23.63
C GLN A 91 -3.33 6.04 -22.41
N PHE A 92 -2.77 5.56 -21.30
CA PHE A 92 -3.54 5.34 -20.07
C PHE A 92 -4.18 6.63 -19.60
N LYS A 93 -3.40 7.71 -19.51
CA LYS A 93 -3.93 8.98 -19.03
C LYS A 93 -5.01 9.54 -19.95
N ASN A 94 -4.81 9.44 -21.27
CA ASN A 94 -5.84 9.90 -22.20
C ASN A 94 -7.12 9.08 -22.05
N SER A 95 -6.97 7.76 -21.94
CA SER A 95 -8.13 6.87 -21.93
C SER A 95 -8.99 7.09 -20.69
N VAL A 96 -8.38 7.08 -19.50
CA VAL A 96 -9.20 7.11 -18.28
C VAL A 96 -9.72 8.51 -18.00
N THR A 97 -9.05 9.55 -18.50
CA THR A 97 -9.60 10.89 -18.42
C THR A 97 -10.98 10.93 -19.07
N GLU A 98 -11.08 10.47 -20.31
CA GLU A 98 -12.35 10.48 -21.04
C GLU A 98 -13.37 9.54 -20.42
N SER A 99 -12.95 8.35 -19.95
CA SER A 99 -13.95 7.41 -19.47
C SER A 99 -14.47 7.81 -18.08
N VAL A 100 -13.58 8.27 -17.19
CA VAL A 100 -14.06 8.76 -15.89
C VAL A 100 -14.90 10.00 -16.09
N ALA A 101 -14.51 10.88 -17.00
CA ALA A 101 -15.34 12.03 -17.31
C ALA A 101 -16.73 11.61 -17.75
N GLY A 102 -16.84 10.51 -18.51
CA GLY A 102 -18.15 10.02 -18.93
C GLY A 102 -18.96 9.48 -17.77
N ILE A 103 -18.32 8.74 -16.88
CA ILE A 103 -18.99 8.28 -15.65
C ILE A 103 -19.50 9.46 -14.85
N ILE A 104 -18.68 10.50 -14.68
CA ILE A 104 -19.10 11.64 -13.87
C ILE A 104 -20.37 12.25 -14.46
N GLU A 105 -20.36 12.48 -15.77
CA GLU A 105 -21.54 13.11 -16.37
C GLU A 105 -22.73 12.16 -16.33
N GLU A 106 -22.49 10.86 -16.52
CA GLU A 106 -23.59 9.89 -16.42
C GLU A 106 -24.32 10.03 -15.08
N TYR A 107 -23.57 10.13 -13.98
CA TYR A 107 -24.19 10.19 -12.67
C TYR A 107 -24.70 11.59 -12.31
N LYS A 108 -24.26 12.62 -13.02
CA LYS A 108 -24.86 13.93 -12.83
C LYS A 108 -26.28 13.98 -13.37
N LEU A 109 -26.56 13.19 -14.41
CA LEU A 109 -27.85 13.22 -15.10
C LEU A 109 -28.79 12.13 -14.64
N GLY A 110 -28.29 11.10 -13.97
CA GLY A 110 -29.13 10.01 -13.54
C GLY A 110 -30.07 10.40 -12.42
N HIS A 111 -30.85 9.43 -11.97
CA HIS A 111 -31.71 9.64 -10.82
C HIS A 111 -31.63 8.53 -9.78
N ASP A 112 -30.99 7.39 -10.08
CA ASP A 112 -30.86 6.34 -9.07
C ASP A 112 -29.87 6.74 -7.98
N PHE A 113 -28.81 7.45 -8.33
CA PHE A 113 -27.77 7.93 -7.42
C PHE A 113 -27.85 9.45 -7.26
N PRO A 114 -27.32 9.99 -6.17
CA PRO A 114 -27.05 11.44 -6.12
C PRO A 114 -26.00 11.80 -7.15
N PRO A 115 -25.97 13.05 -7.61
CA PRO A 115 -24.87 13.47 -8.46
C PRO A 115 -23.56 13.35 -7.70
N PRO A 116 -22.47 13.11 -8.41
CA PRO A 116 -21.18 12.98 -7.72
C PRO A 116 -20.79 14.29 -7.06
N LYS A 117 -20.33 14.20 -5.82
CA LYS A 117 -19.86 15.38 -5.09
C LYS A 117 -18.34 15.49 -5.05
N VAL A 118 -17.64 14.35 -5.13
CA VAL A 118 -16.19 14.34 -5.03
C VAL A 118 -15.69 13.14 -5.80
N LEU A 119 -14.50 13.26 -6.37
CA LEU A 119 -13.76 12.13 -6.91
C LEU A 119 -12.52 11.91 -6.05
N ILE A 120 -12.45 10.74 -5.42
CA ILE A 120 -11.22 10.26 -4.79
C ILE A 120 -10.38 9.54 -5.85
N TYR A 121 -9.22 10.10 -6.14
CA TYR A 121 -8.37 9.59 -7.20
C TYR A 121 -6.99 9.29 -6.62
N ASP A 122 -6.31 8.35 -7.25
CA ASP A 122 -4.98 7.98 -6.82
C ASP A 122 -4.02 9.15 -7.00
N SER A 123 -3.15 9.37 -5.99
CA SER A 123 -2.27 10.54 -6.01
C SER A 123 -1.31 10.57 -7.19
N THR A 124 -1.00 9.40 -7.77
CA THR A 124 -0.12 9.35 -8.92
C THR A 124 -0.84 9.69 -10.23
N MET A 125 -2.13 10.01 -10.17
CA MET A 125 -2.88 10.49 -11.32
C MET A 125 -3.36 11.92 -11.05
N PRO A 126 -2.43 12.87 -10.87
CA PRO A 126 -2.85 14.23 -10.46
C PRO A 126 -3.69 14.96 -11.49
N TRP A 127 -3.58 14.60 -12.77
CA TRP A 127 -4.45 15.22 -13.78
C TRP A 127 -5.91 14.91 -13.54
N MET A 128 -6.22 13.88 -12.73
CA MET A 128 -7.60 13.63 -12.39
C MET A 128 -8.19 14.74 -11.55
N LEU A 129 -7.36 15.59 -10.93
CA LEU A 129 -7.92 16.75 -10.26
C LEU A 129 -8.54 17.71 -11.27
N ASP A 130 -7.94 17.83 -12.45
CA ASP A 130 -8.49 18.67 -13.49
C ASP A 130 -9.76 18.09 -14.05
N VAL A 131 -9.88 16.76 -14.12
CA VAL A 131 -11.13 16.15 -14.52
C VAL A 131 -12.21 16.47 -13.50
N ALA A 132 -11.91 16.25 -12.21
CA ALA A 132 -12.89 16.56 -11.17
C ALA A 132 -13.34 18.01 -11.26
N HIS A 133 -12.38 18.95 -11.24
CA HIS A 133 -12.77 20.36 -11.25
C HIS A 133 -13.40 20.77 -12.58
N GLY A 134 -12.94 20.17 -13.69
CA GLY A 134 -13.52 20.46 -14.97
C GLY A 134 -14.98 20.06 -15.06
N HIS A 135 -15.42 19.14 -14.21
CA HIS A 135 -16.80 18.71 -14.14
C HIS A 135 -17.50 19.23 -12.89
N GLY A 136 -16.91 20.22 -12.23
CA GLY A 136 -17.60 20.93 -11.17
C GLY A 136 -17.73 20.17 -9.87
N ILE A 137 -16.79 19.26 -9.57
CA ILE A 137 -16.84 18.47 -8.34
C ILE A 137 -15.48 18.53 -7.64
N LEU A 138 -15.47 18.12 -6.38
CA LEU A 138 -14.25 18.13 -5.59
C LEU A 138 -13.32 16.99 -5.98
N GLY A 139 -12.04 17.18 -5.65
CA GLY A 139 -11.01 16.19 -5.86
C GLY A 139 -10.27 15.88 -4.58
N ALA A 140 -10.25 14.61 -4.20
CA ALA A 140 -9.45 14.12 -3.09
C ALA A 140 -8.34 13.25 -3.64
N SER A 141 -7.10 13.60 -3.32
CA SER A 141 -5.95 12.84 -3.77
C SER A 141 -5.59 11.85 -2.68
N LEU A 142 -5.64 10.57 -3.01
CA LEU A 142 -5.26 9.50 -2.08
C LEU A 142 -3.83 9.09 -2.36
N PHE A 143 -2.94 9.49 -1.46
CA PHE A 143 -1.57 8.98 -1.44
C PHE A 143 -1.59 7.59 -0.83
N THR A 144 -0.90 6.65 -1.47
CA THR A 144 -0.84 5.28 -0.97
C THR A 144 0.54 4.94 -0.41
N GLN A 145 1.37 5.94 -0.17
CA GLN A 145 2.68 5.78 0.40
C GLN A 145 2.75 6.62 1.67
N PRO A 146 3.72 6.35 2.55
CA PRO A 146 3.78 7.11 3.81
C PRO A 146 4.13 8.56 3.57
N CYS A 147 3.83 9.38 4.58
CA CYS A 147 4.22 10.79 4.56
C CYS A 147 5.73 10.95 4.37
N CYS A 148 6.54 10.11 5.02
CA CYS A 148 7.98 10.32 5.02
C CYS A 148 8.56 10.20 3.62
N VAL A 149 8.24 9.11 2.91
CA VAL A 149 8.77 8.99 1.55
C VAL A 149 8.11 10.01 0.63
N SER A 150 6.87 10.40 0.92
CA SER A 150 6.18 11.36 0.05
C SER A 150 6.87 12.71 0.08
N VAL A 151 7.31 13.13 1.28
CA VAL A 151 8.02 14.39 1.45
C VAL A 151 9.33 14.36 0.68
N VAL A 152 9.98 13.19 0.62
CA VAL A 152 11.19 13.05 -0.18
C VAL A 152 10.90 13.33 -1.65
N TYR A 153 9.78 12.80 -2.18
CA TYR A 153 9.41 13.13 -3.55
C TYR A 153 9.16 14.62 -3.70
N TYR A 154 8.52 15.24 -2.70
CA TYR A 154 8.28 16.67 -2.77
C TYR A 154 9.58 17.44 -2.86
N HIS A 155 10.54 17.10 -2.00
CA HIS A 155 11.84 17.77 -2.02
C HIS A 155 12.56 17.51 -3.34
N MET A 156 12.43 16.29 -3.88
CA MET A 156 12.98 15.98 -5.19
C MET A 156 12.35 16.84 -6.28
N LEU A 157 11.02 17.01 -6.23
CA LEU A 157 10.36 17.86 -7.21
C LEU A 157 10.84 19.31 -7.12
N GLN A 158 11.04 19.80 -5.89
CA GLN A 158 11.46 21.18 -5.71
C GLN A 158 12.89 21.42 -6.17
N GLY A 159 13.64 20.35 -6.45
CA GLY A 159 14.96 20.48 -7.06
C GLY A 159 15.92 21.36 -6.29
N THR A 160 15.76 21.43 -4.97
CA THR A 160 16.60 22.29 -4.14
C THR A 160 17.88 21.58 -3.76
N ILE A 161 17.78 20.32 -3.35
CA ILE A 161 18.94 19.52 -2.96
C ILE A 161 19.27 18.57 -4.09
N ASP A 162 20.57 18.29 -4.23
CA ASP A 162 21.06 17.38 -5.26
C ASP A 162 20.74 15.95 -4.84
N PHE A 163 19.83 15.31 -5.55
CA PHE A 163 19.51 13.90 -5.30
C PHE A 163 20.26 12.96 -6.24
N HIS A 164 21.04 13.49 -7.17
CA HIS A 164 21.92 12.67 -7.98
C HIS A 164 22.86 11.89 -7.07
N ARG A 165 23.17 10.65 -7.46
CA ARG A 165 24.01 9.77 -6.66
C ARG A 165 25.07 9.16 -7.55
N GLU A 166 26.34 9.47 -7.27
CA GLU A 166 27.48 8.70 -7.74
C GLU A 166 28.05 7.99 -6.52
N GLN A 167 27.38 6.91 -6.13
CA GLN A 167 27.71 6.24 -4.88
C GLN A 167 29.06 5.56 -4.88
N SER A 168 29.78 5.56 -6.02
CA SER A 168 31.02 4.82 -6.12
C SER A 168 32.21 5.59 -5.54
N SER A 169 32.16 6.92 -5.49
CA SER A 169 33.33 7.69 -5.05
C SER A 169 33.23 8.18 -3.61
N SER A 170 32.05 8.10 -2.99
CA SER A 170 31.85 8.51 -1.61
C SER A 170 30.45 8.08 -1.24
N SER A 171 30.12 8.22 0.04
CA SER A 171 28.77 7.97 0.51
C SER A 171 28.14 9.30 0.93
N LYS A 172 26.87 9.47 0.60
CA LYS A 172 26.15 10.69 0.89
C LYS A 172 25.06 10.40 1.92
N VAL A 173 24.87 11.33 2.84
CA VAL A 173 23.78 11.28 3.81
C VAL A 173 22.97 12.56 3.65
N LEU A 174 21.66 12.42 3.53
CA LEU A 174 20.79 13.55 3.23
C LEU A 174 19.99 13.92 4.47
N LEU A 175 19.97 15.19 4.81
CA LEU A 175 19.19 15.71 5.92
C LEU A 175 18.04 16.53 5.37
N LEU A 176 16.81 16.09 5.63
CA LEU A 176 15.64 16.88 5.33
C LEU A 176 14.90 17.22 6.62
N PRO A 177 14.15 18.31 6.64
CA PRO A 177 13.41 18.68 7.86
C PRO A 177 12.46 17.59 8.29
N CYS A 178 12.46 17.32 9.60
CA CYS A 178 11.53 16.38 10.23
C CYS A 178 11.69 14.95 9.72
N LEU A 179 12.80 14.65 9.07
CA LEU A 179 13.13 13.29 8.70
C LEU A 179 14.45 12.89 9.35
N PRO A 180 14.63 11.60 9.66
CA PRO A 180 15.95 11.14 10.12
C PRO A 180 16.95 11.25 8.99
N PRO A 181 18.24 11.28 9.31
CA PRO A 181 19.27 11.20 8.26
C PRO A 181 19.02 10.03 7.33
N LEU A 182 19.11 10.28 6.03
CA LEU A 182 18.87 9.26 5.02
C LEU A 182 20.19 8.93 4.32
N GLU A 183 20.68 7.71 4.49
CA GLU A 183 21.80 7.26 3.68
C GLU A 183 21.34 7.01 2.25
N ASP A 184 22.31 6.74 1.38
CA ASP A 184 22.00 6.57 -0.04
C ASP A 184 21.02 5.40 -0.26
N ARG A 185 21.19 4.31 0.49
CA ARG A 185 20.33 3.15 0.36
C ARG A 185 18.94 3.37 0.94
N ASP A 186 18.73 4.47 1.68
CA ASP A 186 17.45 4.79 2.26
C ASP A 186 16.59 5.64 1.33
N LEU A 187 17.17 6.19 0.27
CA LEU A 187 16.39 7.01 -0.66
C LEU A 187 15.47 6.10 -1.47
N PRO A 188 14.32 6.62 -1.92
CA PRO A 188 13.48 5.83 -2.82
C PRO A 188 14.32 5.39 -4.01
N GLU A 189 14.09 4.16 -4.45
CA GLU A 189 15.00 3.48 -5.38
C GLU A 189 14.41 3.55 -6.77
N PHE A 190 15.01 4.37 -7.63
CA PHE A 190 14.61 4.44 -9.02
C PHE A 190 15.62 3.84 -9.98
N ASP A 191 16.85 3.60 -9.54
CA ASP A 191 17.89 3.10 -10.45
C ASP A 191 17.57 1.72 -11.01
N TYR A 192 16.85 0.88 -10.25
CA TYR A 192 16.45 -0.44 -10.76
C TYR A 192 15.82 -0.34 -12.14
N PHE A 193 15.04 0.72 -12.39
CA PHE A 193 14.25 0.84 -13.61
C PHE A 193 15.06 1.29 -14.83
N LYS A 194 16.36 1.56 -14.65
CA LYS A 194 17.31 1.76 -15.75
C LYS A 194 16.85 2.95 -16.59
N GLU A 195 16.58 2.79 -17.90
CA GLU A 195 16.22 3.92 -18.74
C GLU A 195 14.85 4.50 -18.37
N ASP A 196 14.00 3.72 -17.73
CA ASP A 196 12.72 4.20 -17.24
C ASP A 196 12.80 4.80 -15.84
N SER A 197 14.01 4.96 -15.28
CA SER A 197 14.12 5.53 -13.94
C SER A 197 13.55 6.93 -13.90
N GLY A 198 13.83 7.73 -14.93
CA GLY A 198 13.28 9.07 -14.99
C GLY A 198 11.75 9.08 -15.05
N PHE A 199 11.16 8.09 -15.73
CA PHE A 199 9.71 8.06 -15.87
C PHE A 199 9.03 7.68 -14.57
N VAL A 200 9.50 6.59 -13.94
CA VAL A 200 8.98 6.21 -12.62
C VAL A 200 9.14 7.36 -11.64
N SER A 201 10.31 8.00 -11.68
CA SER A 201 10.60 9.12 -10.80
C SER A 201 9.57 10.24 -10.99
N ASN A 202 9.36 10.67 -12.24
CA ASN A 202 8.44 11.76 -12.49
C ASN A 202 7.03 11.40 -12.04
N LEU A 203 6.64 10.14 -12.21
CA LEU A 203 5.33 9.70 -11.74
C LEU A 203 5.14 10.06 -10.28
N LEU A 204 6.12 9.71 -9.44
CA LEU A 204 6.02 9.94 -8.00
C LEU A 204 6.22 11.40 -7.64
N LEU A 205 7.16 12.08 -8.31
CA LEU A 205 7.38 13.49 -8.04
C LEU A 205 6.15 14.33 -8.37
N ASN A 206 5.47 14.01 -9.47
CA ASN A 206 4.34 14.79 -9.99
C ASN A 206 3.08 14.63 -9.16
N GLN A 207 3.10 13.76 -8.15
CA GLN A 207 2.03 13.76 -7.17
C GLN A 207 1.82 15.12 -6.53
N PHE A 208 2.84 15.98 -6.56
CA PHE A 208 2.84 17.26 -5.86
C PHE A 208 2.71 18.47 -6.79
N LEU A 209 2.52 18.25 -8.10
CA LEU A 209 2.39 19.37 -9.04
C LEU A 209 1.24 20.30 -8.68
N ASN A 210 0.11 19.74 -8.27
CA ASN A 210 -1.07 20.56 -8.00
C ASN A 210 -1.53 20.42 -6.55
N ILE A 211 -0.59 20.13 -5.64
CA ILE A 211 -0.95 19.87 -4.24
C ILE A 211 -1.71 21.05 -3.65
N ASP A 212 -1.34 22.28 -4.05
CA ASP A 212 -2.00 23.47 -3.50
C ASP A 212 -3.47 23.56 -3.92
N LYS A 213 -3.88 22.81 -4.95
CA LYS A 213 -5.22 22.92 -5.50
C LYS A 213 -6.11 21.71 -5.19
N ILE A 214 -5.55 20.67 -4.57
CA ILE A 214 -6.34 19.50 -4.20
C ILE A 214 -7.29 19.87 -3.07
N ASP A 215 -8.53 19.40 -3.16
CA ASP A 215 -9.52 19.78 -2.14
C ASP A 215 -9.29 19.02 -0.85
N TYR A 216 -8.92 17.73 -0.95
CA TYR A 216 -8.59 16.91 0.20
C TYR A 216 -7.35 16.09 -0.12
N VAL A 217 -6.31 16.21 0.69
CA VAL A 217 -5.11 15.41 0.56
C VAL A 217 -5.17 14.31 1.62
N LEU A 218 -5.33 13.06 1.19
CA LEU A 218 -5.50 11.95 2.10
C LEU A 218 -4.25 11.05 2.12
N PHE A 219 -3.82 10.66 3.31
CA PHE A 219 -2.69 9.76 3.48
C PHE A 219 -3.15 8.52 4.23
N ASN A 220 -2.88 7.35 3.66
CA ASN A 220 -3.12 6.09 4.36
C ASN A 220 -2.00 5.85 5.37
N THR A 221 -2.02 6.65 6.43
CA THR A 221 -1.11 6.49 7.55
C THR A 221 -1.79 7.10 8.77
N PHE A 222 -1.16 6.94 9.93
CA PHE A 222 -1.73 7.57 11.11
C PHE A 222 -0.70 8.46 11.80
N GLU A 223 -1.24 9.49 12.45
CA GLU A 223 -0.43 10.62 12.92
C GLU A 223 0.70 10.15 13.83
N MET A 224 0.39 9.31 14.83
CA MET A 224 1.41 8.91 15.79
C MET A 224 2.59 8.21 15.13
N LEU A 225 2.31 7.45 14.05
CA LEU A 225 3.38 6.73 13.36
C LEU A 225 4.35 7.70 12.69
N GLU A 226 3.84 8.83 12.20
CA GLU A 226 4.63 9.75 11.40
C GLU A 226 4.52 11.16 11.94
N SER A 227 4.55 11.28 13.28
CA SER A 227 4.21 12.53 13.96
C SER A 227 4.97 13.73 13.40
N GLU A 228 6.30 13.69 13.43
CA GLU A 228 7.07 14.88 13.07
C GLU A 228 6.81 15.28 11.62
N ILE A 229 6.82 14.31 10.71
CA ILE A 229 6.71 14.69 9.30
C ILE A 229 5.27 15.00 8.92
N ALA A 230 4.28 14.33 9.54
CA ALA A 230 2.89 14.66 9.26
C ALA A 230 2.56 16.08 9.68
N ASN A 231 3.05 16.51 10.84
CA ASN A 231 2.85 17.88 11.29
C ASN A 231 3.51 18.88 10.34
N TRP A 232 4.76 18.60 9.95
CA TRP A 232 5.43 19.41 8.95
C TRP A 232 4.56 19.59 7.71
N MET A 233 4.04 18.48 7.18
CA MET A 233 3.17 18.55 6.02
C MET A 233 1.88 19.26 6.33
N SER A 234 1.37 19.12 7.56
CA SER A 234 0.14 19.79 7.96
C SER A 234 0.30 21.30 7.90
N ASN A 235 1.46 21.81 8.27
CA ASN A 235 1.70 23.24 8.29
C ASN A 235 1.82 23.83 6.88
N LYS A 236 2.10 23.01 5.88
CA LYS A 236 2.16 23.47 4.50
C LYS A 236 0.88 23.18 3.73
N TRP A 237 0.28 22.02 3.96
CA TRP A 237 -0.98 21.64 3.34
C TRP A 237 -1.86 21.03 4.42
N LYS A 238 -3.16 21.06 4.22
CA LYS A 238 -4.07 20.48 5.21
C LYS A 238 -4.26 18.99 4.90
N ILE A 239 -3.19 18.22 5.11
CA ILE A 239 -3.28 16.81 4.81
C ILE A 239 -4.15 16.14 5.87
N LEU A 240 -4.82 15.07 5.47
CA LEU A 240 -5.66 14.30 6.37
C LEU A 240 -5.06 12.90 6.43
N THR A 241 -4.47 12.56 7.57
CA THR A 241 -4.00 11.20 7.77
C THR A 241 -5.19 10.36 8.20
N ILE A 242 -5.55 9.36 7.39
CA ILE A 242 -6.81 8.63 7.55
C ILE A 242 -6.58 7.13 7.65
N GLY A 243 -5.33 6.73 7.88
CA GLY A 243 -5.00 5.32 7.89
C GLY A 243 -4.78 4.72 9.27
N PRO A 244 -4.65 3.38 9.31
CA PRO A 244 -4.81 2.45 8.18
C PRO A 244 -6.26 2.36 7.70
N THR A 245 -6.48 2.34 6.38
CA THR A 245 -7.85 2.20 5.90
C THR A 245 -8.35 0.78 6.07
N ALA A 246 -7.45 -0.21 6.04
CA ALA A 246 -7.81 -1.59 6.34
C ALA A 246 -8.47 -1.68 7.73
N PRO A 247 -9.43 -2.58 7.89
CA PRO A 247 -10.10 -2.68 9.19
C PRO A 247 -9.19 -3.24 10.26
N THR A 248 -9.55 -2.96 11.51
CA THR A 248 -8.88 -3.57 12.65
C THR A 248 -9.40 -5.00 12.84
N ALA A 249 -8.82 -5.71 13.80
CA ALA A 249 -9.28 -7.06 14.14
C ALA A 249 -10.75 -7.04 14.59
N ASN A 257 -19.31 -5.44 3.53
CA ASN A 257 -18.56 -4.22 3.86
C ASN A 257 -17.09 -4.52 4.13
N TYR A 258 -16.54 -5.51 3.43
CA TYR A 258 -15.17 -5.96 3.68
C TYR A 258 -14.58 -6.50 2.37
N LEU A 259 -13.34 -7.01 2.47
CA LEU A 259 -12.62 -7.57 1.33
C LEU A 259 -12.37 -9.05 1.59
N PHE A 260 -12.59 -9.86 0.56
CA PHE A 260 -12.35 -11.31 0.62
C PHE A 260 -11.36 -11.69 -0.48
N GLU A 261 -10.15 -12.08 -0.10
CA GLU A 261 -9.15 -12.48 -1.07
C GLU A 261 -9.18 -14.00 -1.27
N THR A 262 -8.56 -14.44 -2.36
CA THR A 262 -8.61 -15.84 -2.74
C THR A 262 -7.62 -16.67 -1.90
N ASN A 263 -7.87 -17.98 -1.85
CA ASN A 263 -7.11 -18.91 -1.03
C ASN A 263 -7.23 -18.60 0.47
N THR A 264 -8.31 -17.92 0.88
CA THR A 264 -8.50 -17.63 2.30
C THR A 264 -8.65 -18.91 3.11
N GLU A 265 -9.53 -19.79 2.66
CA GLU A 265 -9.75 -21.03 3.39
C GLU A 265 -8.49 -21.88 3.44
N VAL A 266 -7.72 -21.93 2.34
CA VAL A 266 -6.54 -22.79 2.30
C VAL A 266 -5.52 -22.33 3.34
N CYS A 267 -5.20 -21.02 3.33
CA CYS A 267 -4.15 -20.53 4.22
C CYS A 267 -4.60 -20.57 5.67
N MET A 268 -5.88 -20.24 5.92
CA MET A 268 -6.38 -20.28 7.30
C MET A 268 -6.35 -21.71 7.84
N LYS A 269 -6.72 -22.69 7.02
CA LYS A 269 -6.65 -24.09 7.46
C LYS A 269 -5.22 -24.50 7.77
N TRP A 270 -4.29 -24.22 6.85
CA TRP A 270 -2.89 -24.55 7.06
C TRP A 270 -2.34 -23.88 8.32
N LEU A 271 -2.58 -22.58 8.48
CA LEU A 271 -2.06 -21.86 9.64
C LEU A 271 -2.70 -22.33 10.94
N ASP A 272 -3.99 -22.70 10.90
CA ASP A 272 -4.67 -23.22 12.09
C ASP A 272 -3.96 -24.46 12.62
N GLU A 273 -3.38 -25.26 11.74
CA GLU A 273 -2.73 -26.50 12.15
C GLU A 273 -1.29 -26.29 12.61
N ARG A 274 -0.73 -25.09 12.47
CA ARG A 274 0.60 -24.82 13.00
C ARG A 274 0.52 -24.33 14.45
N GLU A 275 1.66 -24.29 15.11
CA GLU A 275 1.72 -23.78 16.47
C GLU A 275 1.76 -22.25 16.45
N PRO A 276 1.37 -21.60 17.55
CA PRO A 276 1.48 -20.13 17.61
C PRO A 276 2.91 -19.69 17.47
N ASN A 277 3.11 -18.53 16.82
CA ASN A 277 4.42 -17.90 16.61
C ASN A 277 5.42 -18.84 15.97
N SER A 278 4.96 -19.69 15.04
CA SER A 278 5.84 -20.68 14.45
C SER A 278 6.07 -20.48 12.97
N VAL A 279 5.47 -19.45 12.35
CA VAL A 279 5.45 -19.33 10.90
C VAL A 279 6.09 -18.01 10.48
N ILE A 280 7.01 -18.10 9.55
CA ILE A 280 7.47 -16.96 8.77
C ILE A 280 6.54 -16.83 7.56
N TYR A 281 5.85 -15.70 7.47
CA TYR A 281 5.07 -15.36 6.29
C TYR A 281 5.97 -14.55 5.35
N VAL A 282 6.03 -14.97 4.09
CA VAL A 282 6.92 -14.39 3.09
C VAL A 282 6.09 -13.93 1.90
N SER A 283 6.25 -12.66 1.51
CA SER A 283 5.61 -12.15 0.31
C SER A 283 6.36 -10.92 -0.17
N PHE A 284 6.48 -10.80 -1.51
CA PHE A 284 7.13 -9.65 -2.11
C PHE A 284 6.13 -8.82 -2.90
N GLY A 285 4.85 -8.96 -2.56
CA GLY A 285 3.80 -8.12 -3.09
C GLY A 285 3.30 -8.62 -4.43
N SER A 286 2.58 -7.71 -5.10
CA SER A 286 1.83 -7.99 -6.31
C SER A 286 2.61 -7.68 -7.58
N ILE A 287 3.73 -6.96 -7.49
CA ILE A 287 4.43 -6.42 -8.65
C ILE A 287 5.89 -6.87 -8.73
N ALA A 288 6.60 -6.91 -7.61
CA ALA A 288 8.04 -7.18 -7.67
C ALA A 288 8.28 -8.59 -8.20
N SER A 289 9.38 -8.75 -8.96
CA SER A 289 9.80 -10.03 -9.50
C SER A 289 11.29 -10.18 -9.23
N LEU A 290 11.63 -11.12 -8.36
CA LEU A 290 13.02 -11.36 -8.00
C LEU A 290 13.70 -12.27 -9.02
N THR A 291 15.00 -12.10 -9.14
CA THR A 291 15.78 -12.94 -10.04
C THR A 291 15.76 -14.38 -9.53
N GLU A 292 16.05 -15.31 -10.45
CA GLU A 292 16.04 -16.71 -10.05
C GLU A 292 17.12 -16.99 -9.02
N GLN A 293 18.26 -16.28 -9.08
CA GLN A 293 19.29 -16.43 -8.05
C GLN A 293 18.80 -15.90 -6.71
N GLN A 294 18.07 -14.79 -6.71
CA GLN A 294 17.52 -14.27 -5.46
C GLN A 294 16.48 -15.23 -4.90
N MET A 295 15.67 -15.83 -5.77
CA MET A 295 14.73 -16.86 -5.36
C MET A 295 15.44 -18.05 -4.74
N GLU A 296 16.61 -18.40 -5.28
CA GLU A 296 17.38 -19.53 -4.77
C GLU A 296 17.85 -19.27 -3.36
N GLU A 297 18.44 -18.08 -3.12
CA GLU A 297 18.93 -17.73 -1.79
C GLU A 297 17.81 -17.74 -0.77
N ILE A 298 16.64 -17.23 -1.14
CA ILE A 298 15.51 -17.21 -0.22
C ILE A 298 15.03 -18.63 0.06
N SER A 299 14.87 -19.43 -1.02
CA SER A 299 14.51 -20.83 -0.89
C SER A 299 15.37 -21.56 0.14
N GLN A 300 16.70 -21.51 -0.05
CA GLN A 300 17.59 -22.29 0.80
C GLN A 300 17.54 -21.81 2.25
N ALA A 301 17.38 -20.51 2.47
CA ALA A 301 17.21 -20.02 3.85
C ALA A 301 15.93 -20.58 4.47
N LEU A 302 14.80 -20.49 3.77
CA LEU A 302 13.54 -20.96 4.34
C LEU A 302 13.53 -22.48 4.53
N PHE A 303 14.29 -23.21 3.72
CA PHE A 303 14.27 -24.65 3.87
C PHE A 303 15.21 -25.15 4.97
N THR A 304 16.00 -24.25 5.58
CA THR A 304 16.96 -24.59 6.62
C THR A 304 16.74 -23.85 7.94
N THR A 305 15.76 -22.95 8.00
CA THR A 305 15.40 -22.20 9.18
C THR A 305 14.66 -23.09 10.17
N ASN A 306 14.57 -22.64 11.43
CA ASN A 306 13.89 -23.41 12.46
C ASN A 306 12.39 -23.10 12.55
N PHE A 307 11.79 -22.63 11.47
CA PHE A 307 10.40 -22.21 11.51
C PHE A 307 9.65 -22.74 10.33
N ASN A 308 8.33 -22.85 10.51
CA ASN A 308 7.44 -23.07 9.37
C ASN A 308 7.41 -21.82 8.50
N PHE A 309 6.98 -21.99 7.24
CA PHE A 309 6.90 -20.84 6.37
C PHE A 309 5.70 -20.94 5.43
N LEU A 310 5.13 -19.78 5.15
CA LEU A 310 4.10 -19.58 4.13
C LEU A 310 4.65 -18.54 3.18
N TRP A 311 4.89 -18.94 1.93
CA TRP A 311 5.56 -18.09 0.96
C TRP A 311 4.64 -17.88 -0.23
N VAL A 312 4.24 -16.63 -0.47
CA VAL A 312 3.48 -16.28 -1.66
C VAL A 312 4.46 -16.10 -2.83
N VAL A 313 4.30 -16.93 -3.85
CA VAL A 313 5.06 -16.86 -5.09
C VAL A 313 4.02 -16.75 -6.19
N ARG A 314 3.93 -15.60 -6.81
CA ARG A 314 2.88 -15.36 -7.79
C ARG A 314 3.05 -16.31 -8.98
N GLU A 315 1.93 -16.62 -9.64
CA GLU A 315 1.94 -17.61 -10.71
C GLU A 315 3.02 -17.32 -11.74
N GLU A 316 3.09 -16.07 -12.22
CA GLU A 316 4.09 -15.69 -13.21
C GLU A 316 5.52 -15.81 -12.67
N GLU A 317 5.69 -15.91 -11.36
CA GLU A 317 7.00 -16.02 -10.75
C GLU A 317 7.43 -17.45 -10.47
N ARG A 318 6.53 -18.44 -10.60
CA ARG A 318 6.91 -19.81 -10.27
C ARG A 318 8.09 -20.28 -11.12
N THR A 319 8.19 -19.79 -12.36
CA THR A 319 9.28 -20.20 -13.24
C THR A 319 10.64 -19.76 -12.70
N LYS A 320 10.69 -18.68 -11.93
CA LYS A 320 11.92 -18.23 -11.29
C LYS A 320 12.31 -19.08 -10.09
N LEU A 321 11.46 -20.00 -9.67
CA LEU A 321 11.81 -20.83 -8.54
C LEU A 321 12.86 -21.85 -8.98
N PRO A 322 13.70 -22.31 -8.04
CA PRO A 322 14.71 -23.32 -8.41
C PRO A 322 14.11 -24.64 -8.87
N ASN A 323 13.05 -25.11 -8.21
CA ASN A 323 12.41 -26.40 -8.50
C ASN A 323 13.39 -27.56 -8.32
N ASN A 332 6.09 -28.51 -16.35
CA ASN A 332 5.42 -27.99 -17.55
C ASN A 332 4.06 -27.37 -17.23
N ASN A 333 3.60 -27.54 -16.00
CA ASN A 333 2.33 -26.97 -15.51
C ASN A 333 2.55 -26.55 -14.06
N ASN A 334 3.00 -25.30 -13.88
CA ASN A 334 3.38 -24.77 -12.58
C ASN A 334 2.27 -24.97 -11.55
N PRO A 335 2.54 -25.65 -10.44
CA PRO A 335 1.48 -25.88 -9.44
C PRO A 335 1.00 -24.58 -8.82
N SER A 336 -0.31 -24.48 -8.60
CA SER A 336 -0.85 -23.32 -7.90
C SER A 336 -0.38 -23.26 -6.45
N SER A 337 -0.12 -24.41 -5.84
CA SER A 337 0.49 -24.43 -4.52
C SER A 337 1.32 -25.69 -4.37
N GLU A 338 2.19 -25.68 -3.35
CA GLU A 338 3.15 -26.75 -3.10
C GLU A 338 3.41 -26.82 -1.61
N SER A 339 3.37 -28.01 -1.07
CA SER A 339 3.53 -28.27 0.35
C SER A 339 4.88 -28.95 0.58
N PHE A 340 5.51 -28.65 1.71
CA PHE A 340 6.88 -29.05 1.96
C PHE A 340 7.10 -29.45 3.41
N THR A 341 7.96 -30.44 3.61
CA THR A 341 8.67 -30.61 4.87
C THR A 341 10.10 -30.17 4.61
N THR A 342 10.62 -29.31 5.47
CA THR A 342 11.90 -28.66 5.25
C THR A 342 13.05 -29.50 5.83
N ALA A 343 14.28 -29.09 5.48
CA ALA A 343 15.49 -29.76 5.96
C ALA A 343 15.67 -29.64 7.46
N ALA A 344 14.93 -28.75 8.12
CA ALA A 344 14.95 -28.59 9.56
C ALA A 344 13.76 -29.21 10.25
N GLY A 345 12.97 -30.02 9.53
CA GLY A 345 11.83 -30.70 10.13
C GLY A 345 10.56 -29.89 10.21
N LYS A 346 10.51 -28.73 9.58
CA LYS A 346 9.36 -27.84 9.65
C LYS A 346 8.50 -28.01 8.40
N LEU A 347 7.42 -27.23 8.33
CA LEU A 347 6.49 -27.32 7.21
C LEU A 347 6.50 -26.01 6.42
N GLY A 348 6.40 -26.12 5.11
CA GLY A 348 6.28 -24.96 4.26
C GLY A 348 5.12 -25.12 3.31
N LEU A 349 4.61 -23.97 2.87
CA LEU A 349 3.55 -23.90 1.89
C LEU A 349 3.88 -22.76 0.96
N ILE A 350 3.97 -23.06 -0.33
CA ILE A 350 4.08 -22.04 -1.37
C ILE A 350 2.71 -21.95 -2.04
N ILE A 351 2.23 -20.73 -2.25
CA ILE A 351 0.86 -20.51 -2.71
C ILE A 351 0.88 -19.26 -3.57
N ASN A 352 -0.05 -19.20 -4.54
CA ASN A 352 0.02 -18.12 -5.53
C ASN A 352 -0.45 -16.80 -4.94
N TRP A 353 -1.30 -16.85 -3.92
CA TRP A 353 -1.91 -15.65 -3.33
C TRP A 353 -2.61 -16.04 -2.03
N CYS A 354 -2.70 -15.09 -1.11
CA CYS A 354 -3.30 -15.36 0.19
C CYS A 354 -4.10 -14.16 0.68
N PRO A 355 -4.92 -14.30 1.74
CA PRO A 355 -5.51 -13.11 2.37
C PRO A 355 -4.50 -12.52 3.35
N GLN A 356 -3.65 -11.63 2.84
CA GLN A 356 -2.46 -11.21 3.60
C GLN A 356 -2.83 -10.66 4.96
N LEU A 357 -3.90 -9.86 5.06
CA LEU A 357 -4.27 -9.29 6.35
C LEU A 357 -4.68 -10.37 7.34
N ASP A 358 -5.46 -11.36 6.89
CA ASP A 358 -5.83 -12.47 7.77
C ASP A 358 -4.61 -13.28 8.16
N VAL A 359 -3.67 -13.45 7.22
CA VAL A 359 -2.47 -14.21 7.50
C VAL A 359 -1.63 -13.50 8.55
N LEU A 360 -1.41 -12.19 8.37
CA LEU A 360 -0.61 -11.43 9.34
C LEU A 360 -1.24 -11.45 10.71
N ARG A 361 -2.58 -11.49 10.78
CA ARG A 361 -3.26 -11.49 12.06
C ARG A 361 -3.42 -12.87 12.65
N HIS A 362 -2.93 -13.91 11.98
CA HIS A 362 -3.03 -15.25 12.51
C HIS A 362 -2.01 -15.46 13.62
N GLU A 363 -2.47 -16.12 14.70
CA GLU A 363 -1.61 -16.37 15.84
C GLU A 363 -0.36 -17.16 15.46
N SER A 364 -0.41 -17.92 14.37
CA SER A 364 0.73 -18.74 13.99
C SER A 364 1.87 -17.94 13.38
N VAL A 365 1.62 -16.72 12.92
CA VAL A 365 2.63 -15.98 12.18
C VAL A 365 3.52 -15.25 13.18
N ALA A 366 4.80 -15.57 13.16
CA ALA A 366 5.79 -14.98 14.03
C ALA A 366 6.44 -13.75 13.42
N CYS A 367 6.54 -13.69 12.09
CA CYS A 367 7.13 -12.51 11.46
C CYS A 367 6.86 -12.56 9.96
N PHE A 368 7.15 -11.43 9.32
CA PHE A 368 6.77 -11.10 7.95
C PHE A 368 8.06 -10.72 7.21
N MET A 369 8.51 -11.59 6.29
CA MET A 369 9.60 -11.24 5.39
C MET A 369 8.97 -10.59 4.18
N THR A 370 9.26 -9.29 3.97
CA THR A 370 8.47 -8.45 3.10
C THR A 370 9.35 -7.62 2.18
N HIS A 371 8.81 -7.29 1.02
CA HIS A 371 9.47 -6.30 0.18
C HIS A 371 9.28 -4.88 0.70
N CYS A 372 8.45 -4.67 1.73
CA CYS A 372 8.24 -3.36 2.37
C CYS A 372 7.45 -2.39 1.49
N GLY A 373 6.61 -2.91 0.60
CA GLY A 373 5.59 -2.06 0.00
C GLY A 373 4.77 -1.43 1.11
N TRP A 374 4.20 -0.24 0.88
CA TRP A 374 3.62 0.49 2.01
C TRP A 374 2.44 -0.26 2.63
N ASN A 375 1.56 -0.84 1.80
CA ASN A 375 0.39 -1.51 2.37
C ASN A 375 0.82 -2.68 3.23
N SER A 376 1.74 -3.50 2.71
CA SER A 376 2.32 -4.59 3.49
C SER A 376 2.90 -4.09 4.81
N THR A 377 3.64 -2.98 4.77
CA THR A 377 4.24 -2.43 5.99
C THR A 377 3.16 -2.04 7.00
N LEU A 378 2.16 -1.28 6.54
CA LEU A 378 1.13 -0.79 7.44
C LEU A 378 0.17 -1.90 7.89
N GLU A 379 -0.11 -2.87 7.03
CA GLU A 379 -0.88 -4.02 7.48
C GLU A 379 -0.13 -4.79 8.58
N ALA A 380 1.18 -4.96 8.40
CA ALA A 380 1.99 -5.59 9.45
C ALA A 380 1.98 -4.76 10.73
N ILE A 381 2.16 -3.44 10.61
CA ILE A 381 2.04 -2.56 11.77
C ILE A 381 0.70 -2.77 12.46
N SER A 382 -0.40 -2.72 11.69
CA SER A 382 -1.74 -2.88 12.26
C SER A 382 -1.98 -4.29 12.80
N SER A 383 -1.08 -5.23 12.52
CA SER A 383 -1.24 -6.60 12.99
C SER A 383 -0.22 -6.96 14.07
N GLY A 384 0.75 -6.09 14.34
CA GLY A 384 1.74 -6.35 15.36
C GLY A 384 2.73 -7.41 14.97
N VAL A 385 3.01 -7.58 13.68
CA VAL A 385 3.93 -8.60 13.19
C VAL A 385 5.27 -7.94 12.87
N PRO A 386 6.38 -8.38 13.46
CA PRO A 386 7.68 -7.80 13.11
C PRO A 386 8.18 -8.33 11.77
N MET A 387 9.14 -7.61 11.20
CA MET A 387 9.42 -7.74 9.79
C MET A 387 10.89 -8.03 9.51
N ILE A 388 11.12 -8.78 8.44
CA ILE A 388 12.41 -8.89 7.79
C ILE A 388 12.29 -8.14 6.47
N CYS A 389 13.06 -7.07 6.33
CA CYS A 389 12.91 -6.14 5.22
C CYS A 389 13.85 -6.53 4.09
N VAL A 390 13.28 -6.81 2.93
CA VAL A 390 14.03 -7.11 1.71
C VAL A 390 13.52 -6.18 0.62
N PRO A 391 13.73 -4.87 0.74
CA PRO A 391 13.10 -3.93 -0.20
C PRO A 391 13.67 -4.06 -1.61
N GLN A 392 12.84 -3.73 -2.60
CA GLN A 392 13.28 -3.87 -3.98
C GLN A 392 13.40 -2.54 -4.71
N TRP A 393 12.42 -1.64 -4.63
CA TRP A 393 12.57 -0.38 -5.36
C TRP A 393 11.50 0.61 -4.89
N VAL A 394 11.55 1.84 -5.46
CA VAL A 394 10.72 2.99 -5.10
C VAL A 394 10.74 3.17 -3.59
N ASP A 395 9.57 3.21 -2.95
CA ASP A 395 9.48 3.60 -1.54
C ASP A 395 9.91 2.50 -0.57
N GLN A 396 10.09 1.27 -1.06
CA GLN A 396 10.40 0.14 -0.20
C GLN A 396 11.69 0.35 0.58
N THR A 397 12.70 0.95 -0.06
CA THR A 397 13.95 1.22 0.65
C THR A 397 13.75 2.17 1.82
N THR A 398 13.01 3.27 1.57
CA THR A 398 12.75 4.22 2.65
C THR A 398 11.88 3.59 3.73
N ASN A 399 10.87 2.82 3.33
CA ASN A 399 10.05 2.12 4.30
C ASN A 399 10.91 1.21 5.18
N ALA A 400 11.84 0.46 4.57
CA ALA A 400 12.71 -0.42 5.35
C ALA A 400 13.55 0.36 6.36
N LYS A 401 14.04 1.54 5.97
CA LYS A 401 14.81 2.38 6.91
C LYS A 401 13.98 2.73 8.13
N PHE A 402 12.72 3.14 7.91
CA PHE A 402 11.85 3.50 9.02
C PHE A 402 11.45 2.27 9.85
N ILE A 403 11.21 1.13 9.18
CA ILE A 403 10.86 -0.09 9.89
C ILE A 403 11.99 -0.49 10.86
N GLN A 404 13.23 -0.48 10.37
CA GLN A 404 14.32 -0.92 11.24
C GLN A 404 14.70 0.14 12.26
N ASP A 405 14.91 1.38 11.81
CA ASP A 405 15.61 2.37 12.62
C ASP A 405 14.69 3.34 13.35
N VAL A 406 13.44 3.53 12.89
CA VAL A 406 12.56 4.53 13.49
C VAL A 406 11.48 3.85 14.33
N TRP A 407 10.63 3.08 13.67
CA TRP A 407 9.62 2.30 14.38
C TRP A 407 10.21 1.10 15.10
N LYS A 408 11.38 0.61 14.67
CA LYS A 408 12.08 -0.49 15.34
C LYS A 408 11.18 -1.72 15.48
N ILE A 409 10.65 -2.18 14.35
CA ILE A 409 9.75 -3.32 14.33
C ILE A 409 10.26 -4.33 13.30
N GLY A 410 11.51 -4.19 12.91
CA GLY A 410 12.04 -5.12 11.92
C GLY A 410 13.52 -4.95 11.72
N VAL A 411 14.09 -5.78 10.83
CA VAL A 411 15.50 -5.76 10.48
C VAL A 411 15.63 -5.73 8.96
N ARG A 412 16.49 -4.86 8.45
CA ARG A 412 16.75 -4.81 7.01
C ARG A 412 17.93 -5.70 6.65
N VAL A 413 17.77 -6.50 5.58
CA VAL A 413 18.88 -7.30 5.07
C VAL A 413 19.91 -6.39 4.39
N ASN A 414 21.15 -6.88 4.32
CA ASN A 414 22.22 -6.20 3.59
C ASN A 414 22.53 -6.96 2.31
N ASN A 415 22.57 -6.25 1.20
CA ASN A 415 22.86 -6.84 -0.11
C ASN A 415 24.25 -7.50 -0.14
N ASN A 417 26.76 -6.76 -2.07
CA ASN A 417 27.80 -5.81 -2.45
C ASN A 417 27.37 -4.37 -2.14
N GLY A 418 26.70 -4.19 -1.01
CA GLY A 418 26.28 -2.86 -0.58
C GLY A 418 25.29 -2.23 -1.53
N GLY A 421 20.19 -3.55 -5.37
CA GLY A 421 20.46 -4.32 -6.58
C GLY A 421 21.27 -5.58 -6.34
N GLY A 422 22.16 -5.52 -5.34
CA GLY A 422 22.96 -6.68 -5.02
C GLY A 422 22.11 -7.83 -4.51
N LEU A 423 22.62 -9.04 -4.72
CA LEU A 423 21.97 -10.23 -4.19
C LEU A 423 22.02 -10.24 -2.67
N VAL A 424 20.92 -10.65 -2.05
CA VAL A 424 20.88 -10.95 -0.62
C VAL A 424 21.08 -12.45 -0.45
N LYS A 425 22.17 -12.85 0.19
CA LYS A 425 22.54 -14.24 0.28
C LYS A 425 21.72 -14.95 1.36
N LYS A 426 21.59 -16.27 1.23
CA LYS A 426 20.83 -17.03 2.20
C LYS A 426 21.37 -16.84 3.61
N GLU A 427 22.69 -16.74 3.76
CA GLU A 427 23.28 -16.58 5.08
C GLU A 427 22.81 -15.30 5.73
N GLU A 428 22.68 -14.24 4.95
CA GLU A 428 22.20 -12.96 5.48
C GLU A 428 20.72 -13.02 5.80
N ILE A 429 19.94 -13.66 4.93
CA ILE A 429 18.53 -13.90 5.20
C ILE A 429 18.38 -14.71 6.49
N GLU A 430 19.18 -15.79 6.62
CA GLU A 430 19.16 -16.58 7.84
C GLU A 430 19.54 -15.73 9.05
N ARG A 431 20.55 -14.88 8.91
CA ARG A 431 20.90 -13.97 9.99
C ARG A 431 19.69 -13.19 10.48
N CYS A 432 18.94 -12.60 9.55
CA CYS A 432 17.81 -11.78 9.95
C CYS A 432 16.68 -12.63 10.54
N ILE A 433 16.47 -13.84 10.00
CA ILE A 433 15.43 -14.70 10.56
C ILE A 433 15.75 -15.04 12.00
N LYS A 434 17.01 -15.38 12.27
CA LYS A 434 17.40 -15.73 13.64
C LYS A 434 17.27 -14.53 14.57
N GLU A 435 17.74 -13.36 14.15
CA GLU A 435 17.56 -12.17 14.97
C GLU A 435 16.09 -11.90 15.26
N VAL A 436 15.25 -11.87 14.23
CA VAL A 436 13.85 -11.50 14.46
C VAL A 436 13.13 -12.61 15.22
N CYS A 437 13.38 -13.87 14.86
CA CYS A 437 12.52 -14.93 15.36
C CYS A 437 13.07 -15.68 16.58
N GLU A 438 14.38 -15.62 16.82
CA GLU A 438 14.99 -16.42 17.86
C GLU A 438 15.58 -15.62 19.00
N SER A 439 16.11 -14.42 18.72
CA SER A 439 16.94 -13.67 19.65
C SER A 439 16.08 -12.82 20.59
N GLU A 440 16.72 -12.36 21.66
CA GLU A 440 16.09 -11.40 22.58
C GLU A 440 15.74 -10.11 21.85
N LYS A 441 16.62 -9.66 20.95
CA LYS A 441 16.29 -8.53 20.09
C LYS A 441 14.97 -8.75 19.36
N GLY A 442 14.75 -9.95 18.83
CA GLY A 442 13.49 -10.25 18.17
C GLY A 442 12.29 -10.05 19.07
N LYS A 443 12.42 -10.45 20.34
CA LYS A 443 11.36 -10.26 21.32
C LYS A 443 11.08 -8.77 21.52
N GLU A 444 12.11 -7.92 21.48
CA GLU A 444 11.89 -6.48 21.59
C GLU A 444 11.20 -5.93 20.34
N LEU A 445 11.61 -6.38 19.14
CA LEU A 445 10.90 -5.96 17.92
C LEU A 445 9.43 -6.32 18.00
N LYS A 446 9.11 -7.51 18.51
CA LYS A 446 7.73 -7.91 18.66
C LYS A 446 6.99 -6.98 19.62
N ARG A 447 7.58 -6.69 20.79
CA ARG A 447 6.98 -5.73 21.72
C ARG A 447 6.73 -4.39 21.05
N ASN A 448 7.73 -3.87 20.32
CA ASN A 448 7.52 -2.62 19.60
C ASN A 448 6.37 -2.74 18.61
N ALA A 449 6.29 -3.88 17.92
CA ALA A 449 5.25 -4.05 16.91
C ALA A 449 3.86 -4.12 17.54
N MET A 450 3.75 -4.76 18.71
CA MET A 450 2.47 -4.74 19.42
C MET A 450 2.11 -3.33 19.89
N LYS A 451 3.11 -2.52 20.26
CA LYS A 451 2.85 -1.15 20.66
C LYS A 451 2.31 -0.34 19.49
N TRP A 452 2.98 -0.43 18.34
CA TRP A 452 2.52 0.30 17.18
C TRP A 452 1.15 -0.20 16.71
N LYS A 453 0.86 -1.49 16.90
CA LYS A 453 -0.47 -2.00 16.55
C LYS A 453 -1.55 -1.35 17.42
N ASP A 454 -1.29 -1.19 18.72
CA ASP A 454 -2.26 -0.52 19.59
C ASP A 454 -2.47 0.93 19.15
N LEU A 455 -1.38 1.64 18.84
CA LEU A 455 -1.52 3.00 18.37
C LEU A 455 -2.27 3.04 17.03
N SER A 456 -2.05 2.03 16.19
CA SER A 456 -2.76 1.91 14.92
C SER A 456 -4.28 1.81 15.16
N LYS A 457 -4.68 0.99 16.14
CA LYS A 457 -6.07 0.81 16.51
C LYS A 457 -6.67 2.10 17.07
N GLU A 458 -5.91 2.79 17.93
CA GLU A 458 -6.36 4.03 18.52
C GLU A 458 -6.60 5.11 17.46
N ALA A 459 -5.80 5.14 16.40
CA ALA A 459 -5.96 6.17 15.39
C ALA A 459 -7.31 6.07 14.68
N VAL A 460 -7.80 4.84 14.47
CA VAL A 460 -9.03 4.63 13.72
C VAL A 460 -10.22 4.32 14.61
N SER A 461 -10.04 4.35 15.92
CA SER A 461 -11.15 4.28 16.86
C SER A 461 -11.75 5.66 17.05
N GLU A 462 -12.93 5.69 17.63
CA GLU A 462 -13.67 6.93 17.76
C GLU A 462 -12.84 7.95 18.55
N GLY A 463 -12.67 9.14 17.97
CA GLY A 463 -11.86 10.16 18.56
C GLY A 463 -10.38 10.09 18.24
N GLY A 464 -9.92 8.98 17.63
CA GLY A 464 -8.55 8.89 17.20
C GLY A 464 -8.28 9.79 16.00
N SER A 465 -6.99 10.03 15.76
CA SER A 465 -6.60 11.04 14.77
C SER A 465 -7.11 10.69 13.36
N SER A 466 -7.08 9.40 13.00
CA SER A 466 -7.53 9.02 11.65
C SER A 466 -9.05 9.04 11.55
N ASP A 467 -9.75 8.55 12.57
CA ASP A 467 -11.19 8.64 12.61
C ASP A 467 -11.64 10.11 12.53
N THR A 468 -10.94 11.00 13.22
CA THR A 468 -11.27 12.43 13.19
C THR A 468 -11.05 13.02 11.80
N ASN A 469 -9.90 12.72 11.20
CA ASN A 469 -9.58 13.26 9.88
C ASN A 469 -10.51 12.71 8.81
N LEU A 470 -10.90 11.44 8.91
CA LEU A 470 -11.82 10.91 7.91
C LEU A 470 -13.20 11.52 8.08
N GLU A 471 -13.62 11.75 9.34
CA GLU A 471 -14.87 12.44 9.60
C GLU A 471 -14.83 13.88 9.12
N TYR A 472 -13.65 14.52 9.14
CA TYR A 472 -13.56 15.86 8.58
C TYR A 472 -13.86 15.83 7.08
N PHE A 473 -13.23 14.91 6.36
CA PHE A 473 -13.53 14.71 4.95
C PHE A 473 -15.02 14.47 4.75
N ALA A 474 -15.58 13.55 5.52
CA ALA A 474 -16.97 13.14 5.33
C ALA A 474 -17.94 14.27 5.67
N SER A 475 -17.74 14.92 6.83
CA SER A 475 -18.64 15.98 7.26
C SER A 475 -18.58 17.20 6.33
N THR A 476 -17.38 17.62 5.93
CA THR A 476 -17.29 18.81 5.08
C THR A 476 -17.85 18.57 3.68
N LEU A 477 -17.90 17.30 3.23
CA LEU A 477 -18.57 17.00 1.97
C LEU A 477 -20.05 17.38 2.01
N LEU A 478 -20.65 17.37 3.20
CA LEU A 478 -22.07 17.67 3.30
C LEU A 478 -22.38 19.18 3.26
N PHE A 479 -21.38 20.04 3.46
CA PHE A 479 -21.63 21.47 3.68
C PHE A 479 -22.20 22.15 2.45
N TYR A 480 -23.04 23.16 2.72
CA TYR A 480 -23.59 24.04 1.71
C TYR A 480 -22.63 25.19 1.40
N1 UDP B . -1.56 -9.05 -0.93
C2 UDP B . -2.48 -9.99 -0.79
N3 UDP B . -2.16 -11.26 -0.87
C4 UDP B . -0.91 -11.64 -1.06
C5 UDP B . 0.09 -10.69 -1.21
C6 UDP B . -0.29 -9.35 -1.13
O2 UDP B . -3.81 -9.65 -0.57
O4 UDP B . -0.62 -12.99 -1.15
C1' UDP B . -1.96 -7.63 -0.85
C2' UDP B . -1.31 -6.96 0.35
O2' UDP B . -2.09 -7.24 1.44
C3' UDP B . -1.29 -5.47 -0.10
C4' UDP B . -1.08 -5.52 -1.41
O4' UDP B . -1.46 -7.00 -1.87
O3' UDP B . -2.57 -4.75 0.16
C5' UDP B . 0.39 -5.31 -1.74
O5' UDP B . 0.57 -3.92 -1.71
PA UDP B . 2.01 -3.29 -1.26
O1A UDP B . 2.55 -3.98 -0.01
O2A UDP B . 1.81 -1.83 -1.02
O3A UDP B . 3.16 -3.56 -2.38
PB UDP B . 3.01 -3.64 -4.01
O1B UDP B . 4.45 -3.67 -4.48
O2B UDP B . 2.26 -4.88 -4.38
O3B UDP B . 2.32 -2.39 -4.51
C1 GOL C . 4.44 -0.14 -3.42
O1 GOL C . 5.77 -0.15 -2.91
C2 GOL C . 3.70 1.15 -3.03
O2 GOL C . 3.71 1.16 -1.63
C3 GOL C . 2.22 1.23 -3.48
O3 GOL C . 1.74 2.58 -3.43
C1 GOL D . 8.64 -14.87 18.14
O1 GOL D . 9.44 -15.62 17.25
C2 GOL D . 9.03 -13.40 18.05
O2 GOL D . 10.43 -13.29 18.18
C3 GOL D . 8.65 -12.80 16.70
O3 GOL D . 7.30 -12.41 16.76
C1 GOL E . 20.52 2.80 8.13
O1 GOL E . 20.41 4.02 7.44
C2 GOL E . 20.29 1.64 7.15
O2 GOL E . 20.46 2.18 5.87
C3 GOL E . 18.93 0.96 7.24
O3 GOL E . 18.33 0.96 5.96
#